data_4TPR
#
_entry.id   4TPR
#
_cell.length_a   129.374
_cell.length_b   50.408
_cell.length_c   75.169
_cell.angle_alpha   90.00
_cell.angle_beta   115.35
_cell.angle_gamma   90.00
#
_symmetry.space_group_name_H-M   'C 1 2 1'
#
loop_
_entity.id
_entity.type
_entity.pdbx_description
1 polymer 'If kappa light chain'
2 polymer 'Fab heavy chain'
3 non-polymer 'TETRAETHYLENE GLYCOL'
4 non-polymer 'CHLORIDE ION'
5 non-polymer 'TRIETHYLENE GLYCOL'
6 non-polymer 'SODIUM ION'
7 non-polymer DI(HYDROXYETHYL)ETHER
8 non-polymer 2-AMINO-2-HYDROXYMETHYL-PROPANE-1,3-DIOL
9 non-polymer 3,6,9,12,15,18,21,24,27,30,33,36-dodecaoxaoctatriacontane-1,38-diol
10 water water
#
loop_
_entity_poly.entity_id
_entity_poly.type
_entity_poly.pdbx_seq_one_letter_code
_entity_poly.pdbx_strand_id
1 'polypeptide(L)'
;DVLMTQTPLSLPVSLGDQASISCRSSQSIVHSNGNTYLEWYLQKPGQSPKLLIYKVSNRFSGVPDRFSGSGSGTDFTLKI
SRVEAEDLGVYYCFQGSHVPWTFGGGTKLEIKRADAAPTVSIFPPSSEQLTSGGASVVCFLNNFYPKDINVKWKIDGSER
QNGVLNSWTDQDSKDSTYSMSSTLTLTKDEYERHNSYTCEATHKTSTSPIVKSFNRNE
;
L
2 'polypeptide(L)'
;EVQLQQSGAEIVRSGASVKLSCAASGFNIKDYYMHWVKQRPEQGLEWIGWIDPENGDIAYAPKFQGKATMTADTSSNTAY
LQLSRLTSEDTAVYFCNGRGGMITTDFFDYWGQGTTLTVSSAKTTPPSVYPLAPGSAAQTNSMVTLGCLVKGYFPEPVTV
TWNSGSLSSGVHTFPAVLQSDLYTLSSSVTVPSSTWPSETVTCNVAHPASSTKVDKKIVPR
;
H
#
loop_
_chem_comp.id
_chem_comp.type
_chem_comp.name
_chem_comp.formula
33O non-polymer 3,6,9,12,15,18,21,24,27,30,33,36-dodecaoxaoctatriacontane-1,38-diol 'C26 H54 O14'
CL non-polymer 'CHLORIDE ION' 'Cl -1'
NA non-polymer 'SODIUM ION' 'Na 1'
PEG non-polymer DI(HYDROXYETHYL)ETHER 'C4 H10 O3'
PG4 non-polymer 'TETRAETHYLENE GLYCOL' 'C8 H18 O5'
PGE non-polymer 'TRIETHYLENE GLYCOL' 'C6 H14 O4'
TRS non-polymer 2-AMINO-2-HYDROXYMETHYL-PROPANE-1,3-DIOL 'C4 H12 N O3 1'
#
# COMPACT_ATOMS: atom_id res chain seq x y z
N ASP A 1 26.44 -4.31 -5.18
CA ASP A 1 25.20 -4.92 -5.72
C ASP A 1 24.91 -4.40 -7.11
N VAL A 2 24.17 -5.17 -7.89
CA VAL A 2 23.69 -4.68 -9.17
C VAL A 2 22.43 -3.89 -8.94
N LEU A 3 22.43 -2.63 -9.31
CA LEU A 3 21.26 -1.81 -9.08
C LEU A 3 20.49 -1.74 -10.38
N MET A 4 19.16 -1.88 -10.27
CA MET A 4 18.31 -1.90 -11.44
C MET A 4 17.53 -0.60 -11.48
N THR A 5 17.71 0.16 -12.56
CA THR A 5 17.11 1.49 -12.71
C THR A 5 15.96 1.48 -13.71
N GLN A 6 14.74 1.65 -13.22
N GLN A 6 14.76 1.76 -13.24
CA GLN A 6 13.54 1.67 -14.09
CA GLN A 6 13.55 1.58 -14.05
C GLN A 6 13.18 3.06 -14.51
C GLN A 6 12.95 2.95 -14.42
N THR A 7 12.61 3.14 -15.70
CA THR A 7 12.02 4.38 -16.21
C THR A 7 10.84 4.03 -17.13
N PRO A 8 9.80 4.85 -17.12
CA PRO A 8 9.53 5.97 -16.19
C PRO A 8 9.04 5.47 -14.81
N LEU A 9 8.87 6.39 -13.86
CA LEU A 9 8.31 6.04 -12.58
C LEU A 9 6.81 5.78 -12.72
N SER A 10 6.15 6.61 -13.55
CA SER A 10 4.73 6.46 -13.80
CA SER A 10 4.71 6.53 -13.79
CA SER A 10 4.72 6.52 -13.78
C SER A 10 4.46 6.57 -15.29
N LEU A 11 3.57 5.70 -15.75
CA LEU A 11 3.22 5.65 -17.16
C LEU A 11 1.70 5.69 -17.33
N PRO A 12 1.14 6.90 -17.54
CA PRO A 12 -0.30 6.99 -17.80
C PRO A 12 -0.62 6.65 -19.25
N VAL A 13 -1.58 5.77 -19.43
CA VAL A 13 -1.95 5.27 -20.75
C VAL A 13 -3.45 5.25 -20.90
N SER A 14 -3.91 5.25 -22.16
CA SER A 14 -5.25 4.83 -22.49
C SER A 14 -5.26 3.36 -22.87
N LEU A 15 -6.40 2.71 -22.67
CA LEU A 15 -6.55 1.34 -23.15
C LEU A 15 -6.27 1.32 -24.65
N GLY A 16 -5.57 0.28 -25.09
CA GLY A 16 -5.18 0.16 -26.48
C GLY A 16 -3.86 0.81 -26.85
N ASP A 17 -3.29 1.61 -25.96
CA ASP A 17 -1.99 2.24 -26.22
C ASP A 17 -0.89 1.19 -26.15
N GLN A 18 0.19 1.44 -26.87
CA GLN A 18 1.42 0.70 -26.66
C GLN A 18 2.09 1.30 -25.43
N ALA A 19 2.70 0.44 -24.60
CA ALA A 19 3.44 0.86 -23.42
C ALA A 19 4.82 0.26 -23.43
N SER A 20 5.82 1.09 -23.13
CA SER A 20 7.22 0.64 -23.04
C SER A 20 7.80 1.05 -21.68
N ILE A 21 8.36 0.07 -20.98
CA ILE A 21 8.95 0.27 -19.67
C ILE A 21 10.40 -0.23 -19.75
N SER A 22 11.33 0.57 -19.24
CA SER A 22 12.75 0.25 -19.41
C SER A 22 13.46 0.01 -18.10
N CYS A 23 14.52 -0.78 -18.16
N CYS A 23 14.55 -0.72 -18.17
CA CYS A 23 15.38 -0.99 -17.02
CA CYS A 23 15.34 -1.10 -17.02
C CYS A 23 16.81 -1.02 -17.48
C CYS A 23 16.81 -1.07 -17.46
N ARG A 24 17.67 -0.39 -16.70
CA ARG A 24 19.10 -0.34 -16.95
C ARG A 24 19.81 -0.93 -15.72
N SER A 25 20.60 -1.97 -15.92
CA SER A 25 21.41 -2.52 -14.82
C SER A 25 22.70 -1.73 -14.69
N SER A 26 23.17 -1.57 -13.46
CA SER A 26 24.38 -0.77 -13.20
C SER A 26 25.64 -1.50 -13.66
N GLN A 27 25.55 -2.82 -13.78
CA GLN A 27 26.61 -3.66 -14.30
C GLN A 27 26.01 -4.66 -15.26
N SER A 28 26.87 -5.34 -16.01
N SER A 28 26.86 -5.33 -16.02
CA SER A 28 26.38 -6.38 -16.90
CA SER A 28 26.41 -6.40 -16.90
C SER A 28 25.68 -7.44 -16.06
C SER A 28 25.71 -7.47 -16.07
N ILE A 29 24.58 -7.97 -16.58
CA ILE A 29 23.89 -9.10 -15.93
C ILE A 29 23.88 -10.33 -16.84
N VAL A 30 24.85 -10.41 -17.75
CA VAL A 30 25.09 -11.65 -18.49
C VAL A 30 25.89 -12.54 -17.54
N HIS A 31 25.29 -13.63 -17.09
CA HIS A 31 25.97 -14.60 -16.24
C HIS A 31 27.06 -15.33 -17.01
N SER A 32 28.09 -15.82 -16.31
CA SER A 32 29.20 -16.53 -16.95
C SER A 32 28.76 -17.75 -17.77
N ASN A 33 27.64 -18.36 -17.38
CA ASN A 33 27.02 -19.46 -18.13
C ASN A 33 26.37 -19.06 -19.45
N GLY A 34 26.33 -17.78 -19.74
CA GLY A 34 25.79 -17.25 -20.97
C GLY A 34 24.38 -16.71 -20.88
N ASN A 35 23.65 -17.04 -19.82
CA ASN A 35 22.26 -16.57 -19.67
C ASN A 35 22.21 -15.17 -19.06
N THR A 36 21.18 -14.41 -19.43
CA THR A 36 20.93 -13.11 -18.84
C THR A 36 19.64 -13.23 -18.05
N TYR A 37 19.75 -13.29 -16.73
CA TYR A 37 18.58 -13.57 -15.87
C TYR A 37 17.83 -12.28 -15.51
N LEU A 38 17.20 -11.71 -16.53
CA LEU A 38 16.40 -10.50 -16.42
C LEU A 38 14.93 -10.89 -16.55
N GLU A 39 14.17 -10.53 -15.53
CA GLU A 39 12.75 -10.87 -15.41
C GLU A 39 11.90 -9.62 -15.24
N TRP A 40 10.66 -9.73 -15.70
CA TRP A 40 9.64 -8.71 -15.50
C TRP A 40 8.44 -9.28 -14.78
N TYR A 41 7.92 -8.51 -13.83
CA TYR A 41 6.77 -8.85 -13.01
C TYR A 41 5.73 -7.73 -13.04
N LEU A 42 4.48 -8.13 -12.92
CA LEU A 42 3.38 -7.23 -12.66
C LEU A 42 2.84 -7.53 -11.27
N GLN A 43 2.67 -6.48 -10.48
CA GLN A 43 1.97 -6.60 -9.21
C GLN A 43 0.71 -5.73 -9.21
N LYS A 44 -0.43 -6.39 -9.03
CA LYS A 44 -1.71 -5.72 -8.89
C LYS A 44 -1.96 -5.43 -7.41
N PRO A 45 -2.84 -4.45 -7.10
CA PRO A 45 -3.16 -4.11 -5.72
C PRO A 45 -3.60 -5.30 -4.90
N GLY A 46 -2.99 -5.46 -3.72
CA GLY A 46 -3.32 -6.54 -2.80
C GLY A 46 -2.97 -7.93 -3.29
N GLN A 47 -2.10 -8.02 -4.28
CA GLN A 47 -1.74 -9.32 -4.87
C GLN A 47 -0.26 -9.52 -4.79
N SER A 48 0.14 -10.78 -4.94
CA SER A 48 1.54 -11.13 -5.10
CA SER A 48 1.55 -11.12 -5.10
C SER A 48 2.00 -10.76 -6.52
N PRO A 49 3.30 -10.55 -6.70
CA PRO A 49 3.82 -10.34 -8.05
C PRO A 49 3.54 -11.56 -8.91
N LYS A 50 3.36 -11.30 -10.21
CA LYS A 50 3.15 -12.32 -11.24
C LYS A 50 4.27 -12.21 -12.26
N LEU A 51 4.94 -13.32 -12.55
CA LEU A 51 5.98 -13.34 -13.59
C LEU A 51 5.40 -13.17 -15.00
N LEU A 52 5.99 -12.28 -15.80
CA LEU A 52 5.60 -12.06 -17.19
C LEU A 52 6.63 -12.62 -18.17
N ILE A 53 7.90 -12.29 -17.95
CA ILE A 53 8.99 -12.55 -18.88
C ILE A 53 10.20 -13.01 -18.07
N TYR A 54 10.89 -14.03 -18.55
CA TYR A 54 12.14 -14.46 -17.93
C TYR A 54 13.23 -14.52 -18.98
N LYS A 55 14.48 -14.53 -18.53
CA LYS A 55 15.63 -14.52 -19.45
C LYS A 55 15.43 -13.51 -20.60
N VAL A 56 15.14 -12.27 -20.22
CA VAL A 56 15.00 -11.12 -21.12
C VAL A 56 13.75 -11.07 -22.00
N SER A 57 13.47 -12.17 -22.68
CA SER A 57 12.51 -12.17 -23.78
C SER A 57 11.67 -13.42 -23.86
N ASN A 58 11.68 -14.27 -22.84
CA ASN A 58 10.88 -15.49 -22.85
C ASN A 58 9.57 -15.26 -22.10
N ARG A 59 8.45 -15.36 -22.79
CA ARG A 59 7.18 -15.14 -22.15
C ARG A 59 6.87 -16.37 -21.28
N PHE A 60 6.51 -16.13 -20.03
CA PHE A 60 6.16 -17.19 -19.08
C PHE A 60 4.83 -17.85 -19.49
N SER A 61 4.66 -19.11 -19.15
N SER A 61 4.66 -19.11 -19.15
CA SER A 61 3.44 -19.83 -19.48
CA SER A 61 3.43 -19.84 -19.47
C SER A 61 2.22 -19.08 -18.96
C SER A 61 2.22 -19.08 -18.96
N GLY A 62 1.20 -18.95 -19.81
CA GLY A 62 -0.04 -18.26 -19.42
C GLY A 62 -0.06 -16.77 -19.64
N VAL A 63 1.08 -16.18 -19.97
CA VAL A 63 1.16 -14.75 -20.17
C VAL A 63 0.71 -14.41 -21.56
N PRO A 64 -0.20 -13.41 -21.69
CA PRO A 64 -0.69 -13.00 -23.01
C PRO A 64 0.40 -12.57 -23.97
N ASP A 65 0.18 -12.79 -25.27
CA ASP A 65 1.19 -12.42 -26.28
C ASP A 65 1.38 -10.92 -26.48
N ARG A 66 0.53 -10.09 -25.89
CA ARG A 66 0.75 -8.64 -25.98
C ARG A 66 1.99 -8.19 -25.19
N PHE A 67 2.44 -9.03 -24.26
CA PHE A 67 3.69 -8.78 -23.50
C PHE A 67 4.92 -9.34 -24.21
N SER A 68 5.93 -8.49 -24.36
CA SER A 68 7.19 -8.90 -24.95
C SER A 68 8.35 -8.20 -24.26
N GLY A 69 9.52 -8.81 -24.35
CA GLY A 69 10.72 -8.25 -23.73
C GLY A 69 11.89 -8.28 -24.69
N SER A 70 12.78 -7.32 -24.56
CA SER A 70 14.03 -7.32 -25.33
C SER A 70 15.12 -6.72 -24.50
N GLY A 71 16.35 -6.91 -24.94
CA GLY A 71 17.43 -6.22 -24.25
C GLY A 71 18.77 -6.56 -24.77
N SER A 72 19.74 -5.79 -24.33
CA SER A 72 21.14 -6.04 -24.56
C SER A 72 21.62 -6.74 -23.30
N GLY A 73 22.81 -6.40 -22.83
CA GLY A 73 23.35 -6.90 -21.57
C GLY A 73 23.17 -5.96 -20.37
N THR A 74 22.96 -4.64 -20.63
CA THR A 74 22.52 -3.72 -19.55
C THR A 74 21.22 -2.94 -19.75
N ASP A 75 20.69 -2.86 -20.98
CA ASP A 75 19.45 -2.12 -21.22
CA ASP A 75 19.43 -2.13 -21.20
C ASP A 75 18.32 -3.08 -21.66
N PHE A 76 17.18 -3.01 -20.98
CA PHE A 76 16.08 -3.93 -21.16
C PHE A 76 14.76 -3.20 -21.27
N THR A 77 13.88 -3.72 -22.10
CA THR A 77 12.58 -3.08 -22.32
C THR A 77 11.46 -4.09 -22.31
N LEU A 78 10.44 -3.81 -21.50
CA LEU A 78 9.17 -4.53 -21.54
C LEU A 78 8.21 -3.73 -22.42
N LYS A 79 7.55 -4.41 -23.35
CA LYS A 79 6.56 -3.78 -24.22
C LYS A 79 5.22 -4.45 -24.08
N ILE A 80 4.17 -3.64 -24.00
CA ILE A 80 2.80 -4.10 -24.08
C ILE A 80 2.25 -3.51 -25.37
N SER A 81 1.82 -4.38 -26.30
CA SER A 81 1.47 -3.93 -27.63
C SER A 81 0.23 -3.03 -27.63
N ARG A 82 -0.79 -3.49 -26.91
CA ARG A 82 -2.02 -2.73 -26.70
C ARG A 82 -2.47 -3.05 -25.26
N VAL A 83 -2.46 -2.03 -24.40
CA VAL A 83 -2.80 -2.19 -22.99
C VAL A 83 -4.27 -2.57 -22.80
N GLU A 84 -4.49 -3.53 -21.93
CA GLU A 84 -5.84 -3.92 -21.53
C GLU A 84 -6.05 -3.52 -20.07
N ALA A 85 -7.32 -3.41 -19.67
CA ALA A 85 -7.64 -2.98 -18.31
C ALA A 85 -7.00 -3.85 -17.22
N GLU A 86 -6.84 -5.14 -17.47
CA GLU A 86 -6.24 -6.03 -16.48
C GLU A 86 -4.76 -5.79 -16.29
N ASP A 87 -4.14 -4.98 -17.15
CA ASP A 87 -2.68 -4.77 -17.12
C ASP A 87 -2.25 -3.68 -16.14
N LEU A 88 -3.21 -2.96 -15.57
CA LEU A 88 -2.88 -1.84 -14.72
C LEU A 88 -2.30 -2.35 -13.40
N GLY A 89 -1.29 -1.65 -12.90
CA GLY A 89 -0.58 -2.07 -11.71
C GLY A 89 0.83 -1.56 -11.74
N VAL A 90 1.70 -2.19 -10.97
CA VAL A 90 3.13 -1.78 -10.91
C VAL A 90 3.99 -2.89 -11.51
N TYR A 91 4.83 -2.51 -12.45
CA TYR A 91 5.78 -3.39 -13.11
C TYR A 91 7.15 -3.25 -12.49
N TYR A 92 7.81 -4.39 -12.31
CA TYR A 92 9.18 -4.46 -11.78
C TYR A 92 10.05 -5.30 -12.69
N CYS A 93 11.25 -4.81 -12.98
CA CYS A 93 12.33 -5.66 -13.50
C CYS A 93 13.07 -6.27 -12.33
N PHE A 94 13.82 -7.31 -12.60
CA PHE A 94 14.45 -8.12 -11.55
C PHE A 94 15.60 -8.85 -12.22
N GLN A 95 16.76 -8.82 -11.57
CA GLN A 95 17.91 -9.63 -12.03
C GLN A 95 18.29 -10.70 -11.03
N GLY A 96 18.51 -11.91 -11.55
CA GLY A 96 18.96 -13.05 -10.80
C GLY A 96 20.33 -13.54 -11.23
N SER A 97 21.11 -12.68 -11.87
CA SER A 97 22.42 -13.07 -12.39
C SER A 97 23.50 -13.01 -11.33
N HIS A 98 23.38 -12.06 -10.40
CA HIS A 98 24.38 -11.88 -9.35
C HIS A 98 23.66 -11.72 -8.00
N VAL A 99 24.19 -12.38 -6.98
CA VAL A 99 23.69 -12.25 -5.61
C VAL A 99 24.30 -10.98 -5.00
N PRO A 100 23.47 -10.13 -4.38
CA PRO A 100 22.04 -10.32 -4.14
C PRO A 100 21.22 -10.03 -5.38
N TRP A 101 20.17 -10.82 -5.58
N TRP A 101 20.18 -10.84 -5.60
CA TRP A 101 19.21 -10.57 -6.64
CA TRP A 101 19.22 -10.54 -6.65
C TRP A 101 18.55 -9.24 -6.29
C TRP A 101 18.53 -9.25 -6.29
N THR A 102 18.17 -8.47 -7.31
CA THR A 102 17.67 -7.13 -7.08
C THR A 102 16.53 -6.78 -8.02
N PHE A 103 15.57 -6.06 -7.44
CA PHE A 103 14.47 -5.50 -8.18
C PHE A 103 14.72 -4.05 -8.56
N GLY A 104 14.17 -3.66 -9.71
CA GLY A 104 13.94 -2.26 -10.01
C GLY A 104 12.97 -1.62 -9.06
N GLY A 105 12.91 -0.30 -9.06
CA GLY A 105 12.05 0.43 -8.13
C GLY A 105 10.59 0.45 -8.50
N GLY A 106 10.27 -0.02 -9.70
CA GLY A 106 8.89 -0.16 -10.17
C GLY A 106 8.43 0.99 -11.08
N THR A 107 7.47 0.68 -11.93
CA THR A 107 6.82 1.63 -12.80
C THR A 107 5.30 1.43 -12.65
N LYS A 108 4.58 2.48 -12.27
CA LYS A 108 3.12 2.42 -12.16
C LYS A 108 2.47 2.66 -13.52
N LEU A 109 1.75 1.65 -14.02
CA LEU A 109 0.97 1.76 -15.24
C LEU A 109 -0.44 2.08 -14.78
N GLU A 110 -0.91 3.28 -15.16
CA GLU A 110 -2.20 3.78 -14.72
C GLU A 110 -2.97 4.35 -15.92
N ILE A 111 -4.27 4.54 -15.74
CA ILE A 111 -5.13 5.14 -16.77
C ILE A 111 -5.04 6.66 -16.78
N LYS A 112 -4.78 7.21 -17.96
CA LYS A 112 -4.83 8.63 -18.17
C LYS A 112 -6.30 9.07 -18.26
N ARG A 113 -6.68 10.07 -17.47
CA ARG A 113 -8.01 10.66 -17.62
C ARG A 113 -7.81 12.17 -17.63
N ALA A 114 -8.92 12.88 -17.82
CA ALA A 114 -8.87 14.33 -17.77
C ALA A 114 -8.49 14.78 -16.36
N ASP A 115 -7.80 15.91 -16.27
CA ASP A 115 -7.46 16.51 -14.98
C ASP A 115 -8.74 16.65 -14.16
N ALA A 116 -8.63 16.33 -12.87
CA ALA A 116 -9.72 16.39 -11.90
C ALA A 116 -9.25 17.11 -10.65
N ALA A 117 -9.96 18.17 -10.28
CA ALA A 117 -9.59 18.96 -9.11
C ALA A 117 -9.95 18.21 -7.80
N PRO A 118 -9.10 18.32 -6.78
CA PRO A 118 -9.47 17.79 -5.48
C PRO A 118 -10.69 18.47 -4.88
N THR A 119 -11.58 17.66 -4.35
CA THR A 119 -12.72 18.17 -3.60
C THR A 119 -12.26 18.18 -2.15
N VAL A 120 -12.07 19.38 -1.62
CA VAL A 120 -11.43 19.56 -0.31
C VAL A 120 -12.48 19.91 0.74
N SER A 121 -12.49 19.14 1.82
CA SER A 121 -13.40 19.33 2.94
C SER A 121 -12.62 19.24 4.24
N ILE A 122 -12.82 20.22 5.14
CA ILE A 122 -12.16 20.27 6.45
C ILE A 122 -13.17 20.12 7.56
N PHE A 123 -12.77 19.45 8.63
CA PHE A 123 -13.61 19.13 9.77
C PHE A 123 -12.93 19.43 11.08
N PRO A 124 -13.57 20.28 11.89
CA PRO A 124 -13.06 20.48 13.23
C PRO A 124 -13.21 19.23 14.09
N PRO A 125 -12.51 19.20 15.23
CA PRO A 125 -12.71 18.08 16.17
C PRO A 125 -14.18 17.91 16.59
N SER A 126 -14.62 16.68 16.69
CA SER A 126 -15.96 16.39 17.19
C SER A 126 -15.98 16.65 18.69
N SER A 127 -17.19 16.96 19.18
CA SER A 127 -17.38 17.15 20.60
C SER A 127 -17.01 15.88 21.38
N GLU A 128 -17.31 14.72 20.82
CA GLU A 128 -16.94 13.45 21.45
C GLU A 128 -15.45 13.29 21.65
N GLN A 129 -14.65 13.65 20.64
CA GLN A 129 -13.22 13.54 20.80
C GLN A 129 -12.73 14.56 21.85
N LEU A 130 -13.26 15.76 21.81
CA LEU A 130 -12.81 16.81 22.75
C LEU A 130 -13.08 16.37 24.18
N THR A 131 -14.24 15.74 24.40
CA THR A 131 -14.52 15.15 25.72
C THR A 131 -13.44 14.17 26.18
N SER A 132 -12.82 13.45 25.23
CA SER A 132 -11.76 12.47 25.53
C SER A 132 -10.37 13.08 25.65
N GLY A 133 -10.24 14.38 25.37
CA GLY A 133 -8.99 15.09 25.56
C GLY A 133 -8.16 15.22 24.31
N GLY A 134 -8.73 14.81 23.18
CA GLY A 134 -8.03 14.86 21.90
C GLY A 134 -8.67 15.86 20.99
N ALA A 135 -7.97 16.21 19.91
CA ALA A 135 -8.47 17.17 18.93
C ALA A 135 -7.86 16.91 17.55
N SER A 136 -8.54 16.13 16.73
CA SER A 136 -8.08 15.88 15.37
C SER A 136 -8.84 16.79 14.42
N VAL A 137 -8.10 17.43 13.52
CA VAL A 137 -8.67 18.16 12.41
C VAL A 137 -8.47 17.31 11.14
N VAL A 138 -9.56 17.03 10.42
CA VAL A 138 -9.50 16.12 9.27
C VAL A 138 -9.75 16.91 8.00
N CYS A 139 -8.97 16.58 6.97
N CYS A 139 -8.92 16.67 6.98
CA CYS A 139 -9.08 17.18 5.67
CA CYS A 139 -9.14 17.19 5.65
C CYS A 139 -9.16 16.08 4.59
C CYS A 139 -9.19 16.05 4.64
N PHE A 140 -10.28 15.97 3.90
CA PHE A 140 -10.41 15.04 2.78
C PHE A 140 -10.11 15.80 1.51
N LEU A 141 -9.35 15.17 0.62
CA LEU A 141 -9.03 15.71 -0.70
C LEU A 141 -9.38 14.61 -1.70
N ASN A 142 -10.57 14.72 -2.28
CA ASN A 142 -11.20 13.60 -2.97
C ASN A 142 -11.31 13.76 -4.47
N ASN A 143 -11.17 12.63 -5.14
CA ASN A 143 -11.41 12.49 -6.58
C ASN A 143 -10.62 13.47 -7.42
N PHE A 144 -9.28 13.36 -7.35
CA PHE A 144 -8.38 14.21 -8.13
C PHE A 144 -7.52 13.39 -9.09
N TYR A 145 -7.00 14.08 -10.09
CA TYR A 145 -6.16 13.50 -11.13
C TYR A 145 -5.40 14.64 -11.78
N PRO A 146 -4.07 14.51 -11.98
CA PRO A 146 -3.22 13.38 -11.67
C PRO A 146 -2.96 13.17 -10.19
N LYS A 147 -2.21 12.12 -9.86
CA LYS A 147 -2.06 11.69 -8.47
C LYS A 147 -1.16 12.60 -7.65
N ASP A 148 -0.34 13.40 -8.33
CA ASP A 148 0.65 14.26 -7.67
C ASP A 148 -0.02 15.40 -6.91
N ILE A 149 0.13 15.40 -5.60
CA ILE A 149 -0.53 16.40 -4.72
C ILE A 149 0.36 16.62 -3.52
N ASN A 150 0.27 17.80 -2.93
N ASN A 150 0.34 17.83 -2.98
CA ASN A 150 0.98 18.10 -1.70
CA ASN A 150 0.95 18.09 -1.69
C ASN A 150 0.04 18.83 -0.75
C ASN A 150 -0.11 18.69 -0.78
N VAL A 151 -0.04 18.34 0.49
CA VAL A 151 -0.93 18.90 1.49
C VAL A 151 -0.13 19.53 2.58
N LYS A 152 -0.53 20.75 2.97
CA LYS A 152 0.13 21.51 4.03
C LYS A 152 -0.94 21.99 5.02
N TRP A 153 -0.60 21.93 6.30
CA TRP A 153 -1.48 22.44 7.36
C TRP A 153 -0.92 23.73 7.87
N LYS A 154 -1.81 24.69 8.16
CA LYS A 154 -1.41 25.92 8.84
C LYS A 154 -2.29 26.09 10.08
N ILE A 155 -1.67 26.58 11.14
CA ILE A 155 -2.40 26.98 12.34
C ILE A 155 -2.05 28.43 12.57
N ASP A 156 -3.08 29.28 12.62
CA ASP A 156 -2.90 30.73 12.73
C ASP A 156 -1.82 31.27 11.77
N GLY A 157 -1.84 30.76 10.54
CA GLY A 157 -0.93 31.21 9.48
C GLY A 157 0.43 30.53 9.41
N SER A 158 0.78 29.72 10.41
CA SER A 158 2.09 29.09 10.51
C SER A 158 2.01 27.60 10.15
N GLU A 159 2.98 27.12 9.36
N GLU A 159 2.96 27.12 9.34
CA GLU A 159 3.05 25.72 8.95
CA GLU A 159 2.93 25.72 8.92
C GLU A 159 3.17 24.78 10.14
C GLU A 159 3.15 24.79 10.10
N ARG A 160 2.36 23.71 10.12
CA ARG A 160 2.36 22.69 11.16
C ARG A 160 2.57 21.29 10.53
N GLN A 161 3.49 20.51 11.06
CA GLN A 161 3.76 19.16 10.55
C GLN A 161 3.69 18.09 11.60
N ASN A 162 3.95 18.44 12.84
CA ASN A 162 3.91 17.48 13.91
C ASN A 162 2.46 17.09 14.09
N GLY A 163 2.20 15.79 14.10
CA GLY A 163 0.87 15.26 14.33
C GLY A 163 0.04 15.02 13.07
N VAL A 164 0.66 15.16 11.89
CA VAL A 164 -0.06 14.96 10.62
C VAL A 164 0.03 13.49 10.20
N LEU A 165 -1.10 12.90 9.86
CA LEU A 165 -1.17 11.50 9.40
C LEU A 165 -1.92 11.49 8.07
N ASN A 166 -1.25 11.03 7.02
CA ASN A 166 -1.86 10.97 5.71
C ASN A 166 -2.14 9.52 5.25
N SER A 167 -3.28 9.38 4.54
CA SER A 167 -3.59 8.13 3.87
C SER A 167 -4.21 8.44 2.52
N TRP A 168 -4.25 7.46 1.65
CA TRP A 168 -4.76 7.68 0.30
C TRP A 168 -5.17 6.39 -0.33
N THR A 169 -5.96 6.52 -1.40
CA THR A 169 -6.45 5.40 -2.14
C THR A 169 -5.77 5.37 -3.50
N ASP A 170 -5.62 4.16 -4.06
CA ASP A 170 -5.14 3.98 -5.42
C ASP A 170 -6.22 4.35 -6.44
N GLN A 171 -5.86 4.28 -7.71
CA GLN A 171 -6.72 4.78 -8.76
C GLN A 171 -8.06 4.05 -8.79
N ASP A 172 -9.14 4.81 -8.78
CA ASP A 172 -10.49 4.25 -8.63
C ASP A 172 -10.91 3.54 -9.89
N SER A 173 -11.47 2.35 -9.73
CA SER A 173 -11.86 1.54 -10.88
C SER A 173 -12.95 2.19 -11.74
N LYS A 174 -13.86 2.99 -11.18
CA LYS A 174 -14.94 3.62 -11.95
C LYS A 174 -14.55 4.96 -12.59
N ASP A 175 -13.90 5.84 -11.85
CA ASP A 175 -13.66 7.19 -12.37
C ASP A 175 -12.19 7.55 -12.58
N SER A 176 -11.29 6.61 -12.30
CA SER A 176 -9.86 6.76 -12.52
C SER A 176 -9.19 7.91 -11.74
N THR A 177 -9.83 8.35 -10.66
CA THR A 177 -9.26 9.35 -9.80
C THR A 177 -8.61 8.74 -8.56
N TYR A 178 -7.88 9.59 -7.85
CA TYR A 178 -7.27 9.32 -6.57
C TYR A 178 -7.96 10.13 -5.45
N SER A 179 -7.82 9.67 -4.22
CA SER A 179 -8.30 10.43 -3.07
C SER A 179 -7.29 10.34 -1.93
N MET A 180 -7.37 11.28 -1.01
CA MET A 180 -6.44 11.38 0.10
C MET A 180 -7.13 11.93 1.35
N SER A 181 -6.62 11.52 2.50
CA SER A 181 -7.10 11.99 3.79
C SER A 181 -5.89 12.46 4.58
N SER A 182 -6.01 13.64 5.17
CA SER A 182 -4.96 14.15 6.03
C SER A 182 -5.56 14.55 7.36
N THR A 183 -5.04 13.98 8.44
CA THR A 183 -5.53 14.25 9.77
C THR A 183 -4.42 14.86 10.62
N LEU A 184 -4.68 16.06 11.12
CA LEU A 184 -3.78 16.72 12.09
C LEU A 184 -4.29 16.44 13.49
N THR A 185 -3.52 15.74 14.30
CA THR A 185 -3.95 15.48 15.68
C THR A 185 -3.17 16.29 16.70
N LEU A 186 -3.92 17.01 17.52
CA LEU A 186 -3.39 17.80 18.64
C LEU A 186 -4.01 17.29 19.92
N THR A 187 -3.46 17.72 21.06
CA THR A 187 -4.17 17.62 22.32
C THR A 187 -5.30 18.67 22.32
N LYS A 188 -6.36 18.39 23.05
CA LYS A 188 -7.42 19.39 23.25
C LYS A 188 -6.81 20.69 23.79
N ASP A 189 -5.90 20.51 24.75
CA ASP A 189 -5.20 21.63 25.33
C ASP A 189 -4.55 22.52 24.28
N GLU A 190 -3.82 21.94 23.33
CA GLU A 190 -3.22 22.74 22.27
C GLU A 190 -4.23 23.31 21.28
N TYR A 191 -5.24 22.53 20.94
CA TYR A 191 -6.28 23.01 20.02
C TYR A 191 -6.91 24.31 20.49
N GLU A 192 -7.09 24.39 21.81
CA GLU A 192 -7.73 25.53 22.45
C GLU A 192 -6.82 26.76 22.59
N ARG A 193 -5.54 26.64 22.22
N ARG A 193 -5.55 26.63 22.20
CA ARG A 193 -4.60 27.80 22.21
CA ARG A 193 -4.58 27.74 22.18
C ARG A 193 -4.45 28.46 20.84
C ARG A 193 -4.54 28.50 20.87
N HIS A 194 -5.17 27.96 19.84
CA HIS A 194 -5.07 28.53 18.51
C HIS A 194 -6.45 28.78 17.95
N ASN A 195 -6.53 29.64 16.94
CA ASN A 195 -7.82 30.05 16.38
C ASN A 195 -8.12 29.45 14.98
N SER A 196 -7.25 29.72 14.02
CA SER A 196 -7.48 29.35 12.60
C SER A 196 -6.75 28.07 12.24
N TYR A 197 -7.46 27.17 11.55
CA TYR A 197 -6.91 25.86 11.13
C TYR A 197 -7.14 25.75 9.64
N THR A 198 -6.06 25.50 8.90
CA THR A 198 -6.11 25.52 7.45
C THR A 198 -5.44 24.30 6.80
N CYS A 199 -6.14 23.70 5.85
CA CYS A 199 -5.62 22.63 4.99
CA CYS A 199 -5.47 22.70 5.01
C CYS A 199 -5.40 23.22 3.59
N GLU A 200 -4.19 23.13 3.06
CA GLU A 200 -3.84 23.69 1.75
C GLU A 200 -3.34 22.57 0.86
N ALA A 201 -3.90 22.45 -0.34
CA ALA A 201 -3.42 21.46 -1.32
C ALA A 201 -2.85 22.14 -2.55
N THR A 202 -1.69 21.68 -2.99
CA THR A 202 -1.15 22.11 -4.27
C THR A 202 -1.38 20.95 -5.27
N HIS A 203 -1.95 21.30 -6.41
CA HIS A 203 -2.29 20.35 -7.45
C HIS A 203 -2.29 21.06 -8.80
N LYS A 204 -2.06 20.29 -9.86
CA LYS A 204 -2.03 20.78 -11.24
C LYS A 204 -3.23 21.65 -11.61
N THR A 205 -4.38 21.33 -11.06
CA THR A 205 -5.63 21.95 -11.45
C THR A 205 -5.83 23.39 -10.92
N SER A 206 -4.95 23.87 -10.02
CA SER A 206 -5.02 25.25 -9.56
C SER A 206 -3.62 25.89 -9.54
N THR A 207 -3.50 27.15 -9.97
CA THR A 207 -2.16 27.79 -9.94
C THR A 207 -1.74 28.20 -8.51
N SER A 208 -2.72 28.39 -7.64
CA SER A 208 -2.44 28.70 -6.23
C SER A 208 -2.92 27.57 -5.36
N PRO A 209 -2.44 27.53 -4.09
CA PRO A 209 -2.92 26.46 -3.26
C PRO A 209 -4.46 26.46 -3.10
N ILE A 210 -5.01 25.26 -3.02
CA ILE A 210 -6.45 25.06 -2.76
C ILE A 210 -6.64 24.95 -1.25
N VAL A 211 -7.44 25.85 -0.70
CA VAL A 211 -7.49 26.14 0.72
C VAL A 211 -8.89 25.89 1.29
N LYS A 212 -8.96 25.15 2.39
CA LYS A 212 -10.13 25.15 3.26
C LYS A 212 -9.70 25.47 4.69
N SER A 213 -10.48 26.28 5.38
CA SER A 213 -10.10 26.76 6.71
C SER A 213 -11.32 26.90 7.58
N PHE A 214 -11.12 26.81 8.89
CA PHE A 214 -12.14 27.29 9.84
C PHE A 214 -11.46 27.96 11.01
N ASN A 215 -12.27 28.66 11.80
CA ASN A 215 -11.84 29.27 13.06
C ASN A 215 -12.53 28.58 14.22
N ARG A 216 -11.77 28.13 15.21
CA ARG A 216 -12.31 27.38 16.38
C ARG A 216 -13.51 28.05 17.05
N ASN A 217 -13.43 29.35 17.26
CA ASN A 217 -14.53 30.02 17.98
C ASN A 217 -15.70 30.44 17.08
N GLU A 218 -15.75 29.86 15.88
CA GLU A 218 -16.81 30.07 14.88
C GLU A 218 -16.63 31.40 14.13
N GLU B 1 -3.75 -29.05 -8.45
CA GLU B 1 -3.33 -27.61 -8.57
C GLU B 1 -2.31 -27.28 -7.50
N VAL B 2 -1.13 -26.82 -7.93
CA VAL B 2 -0.09 -26.40 -7.00
C VAL B 2 -0.54 -25.20 -6.16
N GLN B 3 0.06 -25.06 -4.99
CA GLN B 3 -0.35 -24.04 -4.03
C GLN B 3 0.80 -23.78 -3.09
N LEU B 4 1.14 -22.52 -2.89
CA LEU B 4 2.06 -22.12 -1.83
C LEU B 4 1.26 -21.33 -0.82
N GLN B 5 1.12 -21.87 0.39
CA GLN B 5 0.29 -21.25 1.41
C GLN B 5 1.16 -20.71 2.54
N GLN B 6 1.06 -19.40 2.75
CA GLN B 6 1.81 -18.75 3.80
C GLN B 6 0.97 -18.59 5.06
N SER B 7 1.66 -18.57 6.18
CA SER B 7 1.00 -18.40 7.47
C SER B 7 0.31 -17.03 7.61
N GLY B 8 -0.55 -16.94 8.61
CA GLY B 8 -1.35 -15.75 8.85
C GLY B 8 -0.60 -14.57 9.42
N ALA B 9 -1.29 -13.43 9.44
CA ALA B 9 -0.73 -12.17 9.93
C ALA B 9 -0.13 -12.34 11.32
N GLU B 10 1.03 -11.72 11.51
CA GLU B 10 1.76 -11.78 12.79
C GLU B 10 1.84 -10.38 13.37
N ILE B 11 1.81 -10.32 14.70
CA ILE B 11 2.03 -9.10 15.45
C ILE B 11 3.04 -9.47 16.53
N VAL B 12 4.18 -8.78 16.55
CA VAL B 12 5.25 -9.13 17.46
C VAL B 12 5.91 -7.82 17.90
N ARG B 13 6.31 -7.76 19.15
CA ARG B 13 6.92 -6.55 19.70
C ARG B 13 8.36 -6.39 19.24
N SER B 14 8.84 -5.15 19.24
CA SER B 14 10.21 -4.87 18.85
C SER B 14 11.17 -5.60 19.78
N GLY B 15 12.29 -6.03 19.22
CA GLY B 15 13.33 -6.74 19.98
C GLY B 15 13.15 -8.24 20.09
N ALA B 16 11.99 -8.74 19.66
CA ALA B 16 11.77 -10.17 19.61
C ALA B 16 12.05 -10.71 18.19
N SER B 17 11.50 -11.88 17.89
CA SER B 17 11.66 -12.54 16.60
CA SER B 17 11.65 -12.50 16.60
CA SER B 17 11.66 -12.54 16.62
C SER B 17 10.35 -13.19 16.21
N VAL B 18 10.21 -13.47 14.93
CA VAL B 18 9.04 -14.13 14.39
C VAL B 18 9.51 -15.14 13.35
N LYS B 19 8.73 -16.20 13.18
CA LYS B 19 9.01 -17.20 12.15
C LYS B 19 7.77 -17.41 11.30
N LEU B 20 7.93 -17.14 10.01
CA LEU B 20 6.88 -17.20 9.03
C LEU B 20 7.03 -18.48 8.22
N SER B 21 5.92 -19.08 7.84
CA SER B 21 5.97 -20.35 7.09
C SER B 21 5.36 -20.25 5.71
N CYS B 22 5.83 -21.12 4.84
N CYS B 22 5.83 -21.14 4.85
CA CYS B 22 5.38 -21.18 3.46
CA CYS B 22 5.49 -21.20 3.43
C CYS B 22 5.33 -22.66 3.07
C CYS B 22 5.35 -22.69 3.08
N ALA B 23 4.10 -23.18 3.01
CA ALA B 23 3.84 -24.62 2.87
C ALA B 23 3.37 -24.94 1.46
N ALA B 24 4.05 -25.87 0.82
CA ALA B 24 3.70 -26.27 -0.55
C ALA B 24 2.73 -27.43 -0.52
N SER B 25 1.77 -27.39 -1.43
CA SER B 25 0.96 -28.55 -1.75
C SER B 25 0.87 -28.68 -3.28
N GLY B 26 0.89 -29.90 -3.78
CA GLY B 26 0.89 -30.15 -5.22
C GLY B 26 2.26 -30.24 -5.85
N PHE B 27 3.30 -29.94 -5.08
CA PHE B 27 4.67 -30.15 -5.54
C PHE B 27 5.60 -30.36 -4.35
N ASN B 28 6.85 -30.74 -4.64
CA ASN B 28 7.82 -31.04 -3.59
C ASN B 28 8.87 -29.94 -3.55
N ILE B 29 9.09 -29.33 -2.38
CA ILE B 29 10.03 -28.21 -2.29
C ILE B 29 11.48 -28.64 -2.47
N LYS B 30 11.77 -29.94 -2.33
CA LYS B 30 13.12 -30.45 -2.66
C LYS B 30 13.49 -30.18 -4.13
N ASP B 31 12.47 -30.20 -5.00
CA ASP B 31 12.68 -30.06 -6.45
C ASP B 31 12.80 -28.62 -6.93
N TYR B 32 12.78 -27.65 -6.01
CA TYR B 32 12.74 -26.25 -6.40
C TYR B 32 13.54 -25.42 -5.42
N TYR B 33 13.76 -24.16 -5.78
CA TYR B 33 14.38 -23.18 -4.89
C TYR B 33 13.25 -22.35 -4.32
N MET B 34 13.44 -21.91 -3.08
N MET B 34 13.36 -21.95 -3.06
CA MET B 34 12.51 -21.00 -2.43
CA MET B 34 12.32 -21.14 -2.41
C MET B 34 13.20 -19.65 -2.29
C MET B 34 12.95 -19.82 -1.97
N HIS B 35 12.47 -18.59 -2.60
N HIS B 35 12.49 -18.70 -2.53
CA HIS B 35 12.95 -17.23 -2.46
CA HIS B 35 13.09 -17.41 -2.19
C HIS B 35 12.01 -16.50 -1.52
C HIS B 35 12.06 -16.38 -1.71
N TRP B 36 12.53 -15.49 -0.84
CA TRP B 36 11.69 -14.59 -0.04
C TRP B 36 11.90 -13.14 -0.42
N VAL B 37 10.81 -12.38 -0.34
CA VAL B 37 10.77 -11.01 -0.79
C VAL B 37 9.96 -10.18 0.23
N LYS B 38 10.50 -9.02 0.57
CA LYS B 38 9.88 -8.08 1.49
C LYS B 38 9.23 -6.92 0.72
N GLN B 39 8.14 -6.40 1.27
CA GLN B 39 7.49 -5.22 0.75
C GLN B 39 6.89 -4.38 1.88
N ARG B 40 7.47 -3.21 2.12
CA ARG B 40 6.96 -2.32 3.19
C ARG B 40 5.77 -1.55 2.68
N PRO B 41 4.91 -1.03 3.58
CA PRO B 41 3.73 -0.27 3.14
C PRO B 41 4.07 0.83 2.14
N GLU B 42 3.37 0.82 1.01
CA GLU B 42 3.56 1.80 -0.06
C GLU B 42 5.00 1.91 -0.57
N GLN B 43 5.73 0.80 -0.48
CA GLN B 43 7.07 0.70 -1.09
C GLN B 43 7.17 -0.47 -2.09
N GLY B 44 8.33 -0.57 -2.73
CA GLY B 44 8.59 -1.60 -3.73
C GLY B 44 9.07 -2.89 -3.10
N LEU B 45 9.32 -3.83 -3.99
CA LEU B 45 9.80 -5.15 -3.61
C LEU B 45 11.28 -5.13 -3.25
N GLU B 46 11.63 -5.90 -2.21
CA GLU B 46 13.02 -6.06 -1.77
C GLU B 46 13.39 -7.54 -1.57
N TRP B 47 14.44 -8.00 -2.24
CA TRP B 47 14.81 -9.40 -2.19
C TRP B 47 15.54 -9.73 -0.89
N ILE B 48 15.17 -10.84 -0.27
CA ILE B 48 15.79 -11.23 1.00
C ILE B 48 16.86 -12.30 0.80
N GLY B 49 16.52 -13.36 0.08
CA GLY B 49 17.46 -14.47 -0.10
C GLY B 49 16.79 -15.67 -0.75
N TRP B 50 17.57 -16.69 -1.10
N TRP B 50 17.59 -16.69 -1.07
CA TRP B 50 17.01 -17.98 -1.49
CA TRP B 50 17.06 -17.98 -1.49
C TRP B 50 17.61 -19.13 -0.71
C TRP B 50 17.60 -19.12 -0.65
N ILE B 51 16.88 -20.23 -0.71
CA ILE B 51 17.31 -21.47 -0.05
C ILE B 51 17.01 -22.64 -0.98
N ASP B 52 17.96 -23.57 -1.05
CA ASP B 52 17.74 -24.86 -1.69
C ASP B 52 17.33 -25.81 -0.57
N PRO B 53 16.03 -26.19 -0.51
CA PRO B 53 15.54 -27.07 0.57
C PRO B 53 16.13 -28.48 0.57
N GLU B 54 16.55 -28.97 -0.58
CA GLU B 54 17.23 -30.27 -0.66
C GLU B 54 18.61 -30.23 -0.02
N ASN B 55 19.43 -29.27 -0.42
CA ASN B 55 20.83 -29.22 0.00
C ASN B 55 21.10 -28.36 1.23
N GLY B 56 20.14 -27.50 1.59
CA GLY B 56 20.35 -26.57 2.69
C GLY B 56 21.18 -25.34 2.33
N ASP B 57 21.55 -25.22 1.06
CA ASP B 57 22.32 -24.07 0.58
C ASP B 57 21.46 -22.82 0.71
N ILE B 58 22.08 -21.71 1.10
CA ILE B 58 21.37 -20.45 1.28
C ILE B 58 22.20 -19.28 0.75
N ALA B 59 21.53 -18.33 0.10
CA ALA B 59 22.15 -17.07 -0.23
C ALA B 59 21.27 -15.95 0.33
N TYR B 60 21.88 -15.04 1.07
CA TYR B 60 21.19 -13.86 1.60
C TYR B 60 21.66 -12.59 0.90
N ALA B 61 20.74 -11.63 0.78
CA ALA B 61 21.12 -10.26 0.49
C ALA B 61 21.88 -9.73 1.70
N PRO B 62 22.91 -8.90 1.46
CA PRO B 62 23.78 -8.52 2.58
C PRO B 62 23.02 -7.88 3.73
N LYS B 63 22.05 -7.04 3.39
CA LYS B 63 21.25 -6.33 4.35
C LYS B 63 20.51 -7.27 5.32
N PHE B 64 20.18 -8.48 4.87
CA PHE B 64 19.41 -9.42 5.68
C PHE B 64 20.28 -10.46 6.38
N GLN B 65 21.58 -10.44 6.09
CA GLN B 65 22.55 -11.16 6.88
C GLN B 65 22.45 -10.59 8.28
N GLY B 66 22.21 -11.46 9.24
CA GLY B 66 21.97 -11.03 10.63
C GLY B 66 20.50 -10.92 11.00
N LYS B 67 19.68 -10.38 10.09
CA LYS B 67 18.27 -10.13 10.33
C LYS B 67 17.43 -11.37 10.05
N ALA B 68 17.69 -12.03 8.92
CA ALA B 68 16.89 -13.15 8.45
C ALA B 68 17.60 -14.47 8.61
N THR B 69 16.81 -15.51 8.85
CA THR B 69 17.28 -16.88 8.84
C THR B 69 16.28 -17.71 8.05
N MET B 70 16.74 -18.24 6.93
CA MET B 70 15.92 -19.14 6.09
CA MET B 70 15.92 -19.13 6.11
C MET B 70 16.24 -20.58 6.42
N THR B 71 15.20 -21.38 6.60
CA THR B 71 15.30 -22.82 6.84
C THR B 71 14.18 -23.52 6.08
N ALA B 72 14.25 -24.85 6.05
CA ALA B 72 13.21 -25.63 5.40
C ALA B 72 13.10 -27.00 6.03
N ASP B 73 11.91 -27.57 5.93
CA ASP B 73 11.61 -28.88 6.46
C ASP B 73 10.94 -29.69 5.38
N THR B 74 11.75 -30.49 4.70
CA THR B 74 11.26 -31.24 3.54
C THR B 74 10.19 -32.26 3.90
N SER B 75 10.22 -32.78 5.12
CA SER B 75 9.24 -33.80 5.52
C SER B 75 7.83 -33.21 5.65
N SER B 76 7.75 -31.92 5.99
CA SER B 76 6.46 -31.21 6.02
C SER B 76 6.29 -30.30 4.80
N ASN B 77 7.24 -30.34 3.88
CA ASN B 77 7.15 -29.61 2.62
C ASN B 77 6.98 -28.10 2.87
N THR B 78 7.72 -27.59 3.87
CA THR B 78 7.58 -26.22 4.33
C THR B 78 8.90 -25.48 4.45
N ALA B 79 8.90 -24.24 3.97
CA ALA B 79 10.03 -23.33 4.12
C ALA B 79 9.69 -22.28 5.17
N TYR B 80 10.71 -21.80 5.89
CA TYR B 80 10.53 -20.85 6.99
C TYR B 80 11.43 -19.63 6.82
N LEU B 81 10.93 -18.49 7.25
CA LEU B 81 11.71 -17.27 7.32
C LEU B 81 11.61 -16.75 8.72
N GLN B 82 12.76 -16.71 9.40
CA GLN B 82 12.82 -16.08 10.70
C GLN B 82 13.39 -14.69 10.57
N LEU B 83 12.75 -13.75 11.25
CA LEU B 83 13.19 -12.36 11.30
C LEU B 83 13.47 -12.05 12.75
N SER B 84 14.69 -11.57 13.01
CA SER B 84 15.17 -11.38 14.38
C SER B 84 15.44 -9.93 14.73
N ARG B 85 15.47 -9.65 16.04
CA ARG B 85 15.74 -8.31 16.56
C ARG B 85 14.84 -7.29 15.87
N LEU B 86 13.53 -7.52 15.99
CA LEU B 86 12.55 -6.79 15.21
C LEU B 86 12.49 -5.32 15.57
N THR B 87 12.29 -4.50 14.54
CA THR B 87 11.96 -3.09 14.68
C THR B 87 10.82 -2.75 13.72
N SER B 88 10.33 -1.52 13.80
CA SER B 88 9.25 -1.07 12.91
C SER B 88 9.63 -1.11 11.43
N GLU B 89 10.93 -1.13 11.15
CA GLU B 89 11.40 -1.28 9.78
C GLU B 89 11.04 -2.66 9.18
N ASP B 90 10.83 -3.66 10.03
CA ASP B 90 10.43 -5.00 9.61
C ASP B 90 8.94 -5.16 9.36
N THR B 91 8.15 -4.15 9.73
CA THR B 91 6.73 -4.13 9.43
C THR B 91 6.56 -4.08 7.92
N ALA B 92 5.91 -5.12 7.38
CA ALA B 92 5.95 -5.38 5.93
C ALA B 92 5.11 -6.62 5.59
N VAL B 93 4.89 -6.83 4.29
CA VAL B 93 4.43 -8.07 3.77
C VAL B 93 5.65 -8.85 3.30
N TYR B 94 5.65 -10.13 3.63
CA TYR B 94 6.69 -11.07 3.22
C TYR B 94 6.09 -12.15 2.30
N PHE B 95 6.67 -12.29 1.11
CA PHE B 95 6.24 -13.24 0.10
C PHE B 95 7.27 -14.35 -0.04
N CYS B 96 6.78 -15.58 -0.18
CA CYS B 96 7.64 -16.68 -0.59
CA CYS B 96 7.57 -16.73 -0.54
C CYS B 96 7.34 -17.02 -2.04
N ASN B 97 8.36 -17.48 -2.74
CA ASN B 97 8.27 -17.74 -4.16
C ASN B 97 9.04 -19.02 -4.45
N GLY B 98 8.35 -20.03 -4.94
CA GLY B 98 8.97 -21.29 -5.36
C GLY B 98 9.27 -21.27 -6.85
N ARG B 99 10.51 -21.59 -7.21
CA ARG B 99 10.93 -21.51 -8.59
C ARG B 99 11.99 -22.54 -8.92
N GLY B 100 12.06 -22.89 -10.20
CA GLY B 100 13.09 -23.79 -10.67
C GLY B 100 12.70 -24.39 -12.01
N GLY B 101 13.58 -25.23 -12.54
CA GLY B 101 13.38 -25.89 -13.82
C GLY B 101 13.68 -25.02 -15.02
N MET B 102 14.33 -23.85 -14.81
CA MET B 102 14.58 -22.90 -15.91
C MET B 102 15.44 -23.51 -17.02
N ILE B 103 16.38 -24.37 -16.64
CA ILE B 103 17.26 -25.06 -17.57
C ILE B 103 16.60 -26.29 -18.19
N THR B 104 16.08 -27.16 -17.32
CA THR B 104 15.79 -28.55 -17.69
C THR B 104 14.36 -28.85 -18.16
N THR B 105 13.44 -27.90 -18.00
CA THR B 105 12.04 -28.12 -18.37
C THR B 105 11.29 -26.78 -18.48
N ASP B 106 9.97 -26.82 -18.46
CA ASP B 106 9.17 -25.59 -18.42
C ASP B 106 9.40 -24.91 -17.07
N PHE B 107 9.68 -23.61 -17.12
CA PHE B 107 9.97 -22.88 -15.89
C PHE B 107 8.76 -22.86 -14.95
N PHE B 108 9.01 -23.23 -13.70
CA PHE B 108 7.98 -23.26 -12.68
C PHE B 108 8.17 -22.03 -11.79
N ASP B 109 7.08 -21.32 -11.54
CA ASP B 109 7.14 -20.10 -10.73
C ASP B 109 5.81 -19.87 -10.04
N TYR B 110 5.79 -20.05 -8.73
CA TYR B 110 4.58 -19.86 -7.96
C TYR B 110 4.86 -19.04 -6.69
N TRP B 111 3.88 -18.22 -6.35
CA TRP B 111 4.00 -17.29 -5.22
C TRP B 111 2.99 -17.59 -4.15
N GLY B 112 3.44 -17.43 -2.91
CA GLY B 112 2.52 -17.37 -1.80
C GLY B 112 1.73 -16.07 -1.84
N GLN B 113 0.71 -16.01 -0.99
CA GLN B 113 -0.21 -14.87 -0.94
C GLN B 113 0.33 -13.70 -0.09
N GLY B 114 1.44 -13.94 0.59
CA GLY B 114 2.05 -12.93 1.45
C GLY B 114 1.60 -13.08 2.89
N THR B 115 2.51 -12.78 3.81
CA THR B 115 2.22 -12.74 5.24
C THR B 115 2.60 -11.36 5.73
N THR B 116 1.67 -10.71 6.41
CA THR B 116 1.91 -9.41 7.00
CA THR B 116 1.92 -9.40 7.01
C THR B 116 2.53 -9.55 8.40
N LEU B 117 3.55 -8.74 8.67
CA LEU B 117 4.12 -8.62 10.00
C LEU B 117 3.91 -7.20 10.48
N THR B 118 3.30 -7.05 11.66
CA THR B 118 3.15 -5.73 12.27
C THR B 118 3.98 -5.75 13.55
N VAL B 119 5.01 -4.92 13.60
CA VAL B 119 5.83 -4.80 14.82
C VAL B 119 5.25 -3.72 15.74
N SER B 120 4.78 -4.14 16.90
CA SER B 120 4.09 -3.25 17.84
C SER B 120 3.98 -3.94 19.19
N SER B 121 4.06 -3.15 20.26
N SER B 121 4.06 -3.15 20.26
CA SER B 121 3.84 -3.65 21.61
CA SER B 121 3.83 -3.64 21.61
C SER B 121 2.39 -3.48 22.09
C SER B 121 2.39 -3.45 22.09
N ALA B 122 1.51 -2.98 21.21
CA ALA B 122 0.13 -2.69 21.58
C ALA B 122 -0.66 -3.93 21.93
N LYS B 123 -1.57 -3.80 22.89
CA LYS B 123 -2.57 -4.82 23.16
C LYS B 123 -3.82 -4.48 22.37
N THR B 124 -4.70 -5.47 22.25
CA THR B 124 -5.99 -5.28 21.60
C THR B 124 -6.70 -4.11 22.28
N THR B 125 -7.13 -3.14 21.47
CA THR B 125 -7.70 -1.89 21.94
C THR B 125 -8.86 -1.52 21.02
N PRO B 126 -10.05 -1.22 21.57
CA PRO B 126 -11.17 -0.92 20.69
C PRO B 126 -11.07 0.51 20.12
N PRO B 127 -11.75 0.80 19.01
CA PRO B 127 -11.65 2.13 18.40
C PRO B 127 -12.52 3.15 19.10
N SER B 128 -12.09 4.41 19.01
CA SER B 128 -12.96 5.55 19.29
C SER B 128 -13.46 6.02 17.92
N VAL B 129 -14.77 6.24 17.82
CA VAL B 129 -15.41 6.59 16.56
C VAL B 129 -16.00 7.98 16.67
N TYR B 130 -15.50 8.87 15.81
CA TYR B 130 -15.85 10.27 15.88
C TYR B 130 -16.55 10.72 14.60
N PRO B 131 -17.77 11.28 14.73
CA PRO B 131 -18.46 11.83 13.58
C PRO B 131 -17.85 13.14 13.09
N LEU B 132 -17.75 13.28 11.78
CA LEU B 132 -17.23 14.49 11.16
C LEU B 132 -18.39 15.16 10.39
N ALA B 133 -18.96 16.21 10.99
CA ALA B 133 -20.03 16.99 10.38
C ALA B 133 -19.46 18.34 9.97
N PRO B 134 -19.97 18.92 8.87
CA PRO B 134 -19.37 20.15 8.34
C PRO B 134 -19.46 21.32 9.32
N GLY B 135 -18.44 22.17 9.29
CA GLY B 135 -18.41 23.37 10.13
C GLY B 135 -19.39 24.46 9.69
N SER B 136 -19.69 24.50 8.39
CA SER B 136 -20.58 25.51 7.83
C SER B 136 -21.72 24.87 7.04
N ALA B 137 -22.77 25.64 6.77
CA ALA B 137 -23.96 25.13 6.07
C ALA B 137 -23.73 24.99 4.55
N ALA B 138 -24.55 24.16 3.91
CA ALA B 138 -24.40 23.87 2.48
C ALA B 138 -25.23 24.82 1.63
N GLN B 139 -24.74 25.12 0.42
CA GLN B 139 -25.52 25.90 -0.55
C GLN B 139 -26.55 24.99 -1.25
N THR B 140 -27.54 25.62 -1.87
CA THR B 140 -28.63 24.95 -2.56
C THR B 140 -28.13 24.04 -3.68
N ASN B 141 -28.73 22.84 -3.79
CA ASN B 141 -28.32 21.85 -4.81
C ASN B 141 -26.79 21.72 -4.92
N SER B 142 -26.13 21.51 -3.79
N SER B 142 -26.13 21.54 -3.78
CA SER B 142 -24.70 21.29 -3.78
CA SER B 142 -24.69 21.30 -3.74
C SER B 142 -24.42 19.92 -3.16
C SER B 142 -24.43 19.89 -3.22
N MET B 143 -23.15 19.53 -3.12
CA MET B 143 -22.73 18.28 -2.48
C MET B 143 -22.22 18.63 -1.08
N VAL B 144 -22.53 17.78 -0.12
CA VAL B 144 -22.01 17.92 1.23
C VAL B 144 -21.22 16.65 1.59
N THR B 145 -20.07 16.85 2.21
CA THR B 145 -19.21 15.75 2.59
C THR B 145 -19.25 15.60 4.10
N LEU B 146 -19.47 14.35 4.52
CA LEU B 146 -19.51 13.94 5.91
C LEU B 146 -18.39 12.94 6.10
N GLY B 147 -18.04 12.70 7.34
CA GLY B 147 -16.97 11.77 7.61
C GLY B 147 -17.07 11.07 8.93
N CYS B 148 -16.17 10.12 9.07
CA CYS B 148 -16.04 9.37 10.28
CA CYS B 148 -16.06 9.29 10.26
C CYS B 148 -14.57 9.06 10.52
N LEU B 149 -14.11 9.40 11.72
CA LEU B 149 -12.72 9.20 12.14
C LEU B 149 -12.68 8.08 13.17
N VAL B 150 -11.87 7.06 12.89
CA VAL B 150 -11.79 5.86 13.68
C VAL B 150 -10.38 5.80 14.23
N LYS B 151 -10.25 6.03 15.54
CA LYS B 151 -8.94 6.28 16.13
C LYS B 151 -8.62 5.35 17.30
N GLY B 152 -7.32 5.09 17.46
CA GLY B 152 -6.81 4.49 18.67
C GLY B 152 -7.08 3.02 18.86
N TYR B 153 -7.20 2.28 17.77
CA TYR B 153 -7.49 0.87 17.88
C TYR B 153 -6.32 0.00 17.49
N PHE B 154 -6.41 -1.27 17.88
CA PHE B 154 -5.42 -2.28 17.52
C PHE B 154 -5.99 -3.67 17.77
N PRO B 155 -5.70 -4.65 16.88
CA PRO B 155 -5.05 -4.56 15.59
C PRO B 155 -6.03 -4.28 14.45
N GLU B 156 -5.54 -4.30 13.22
CA GLU B 156 -6.41 -4.32 12.06
C GLU B 156 -7.04 -5.70 11.99
N PRO B 157 -8.21 -5.82 11.35
CA PRO B 157 -8.97 -4.76 10.70
C PRO B 157 -10.07 -4.16 11.56
N VAL B 158 -10.40 -2.91 11.24
CA VAL B 158 -11.74 -2.39 11.48
C VAL B 158 -12.46 -2.32 10.16
N THR B 159 -13.79 -2.34 10.24
CA THR B 159 -14.61 -2.13 9.09
C THR B 159 -15.46 -0.90 9.31
N VAL B 160 -15.73 -0.20 8.21
CA VAL B 160 -16.58 0.98 8.19
C VAL B 160 -17.56 0.83 7.04
N THR B 161 -18.84 1.07 7.34
CA THR B 161 -19.84 1.22 6.31
C THR B 161 -20.66 2.46 6.64
N TRP B 162 -21.53 2.83 5.70
CA TRP B 162 -22.42 3.98 5.85
C TRP B 162 -23.85 3.50 5.66
N ASN B 163 -24.71 3.85 6.59
CA ASN B 163 -26.12 3.40 6.61
C ASN B 163 -26.24 1.90 6.39
N SER B 164 -25.39 1.17 7.11
CA SER B 164 -25.37 -0.27 7.09
C SER B 164 -25.22 -0.87 5.70
N GLY B 165 -24.39 -0.20 4.87
CA GLY B 165 -24.09 -0.65 3.51
C GLY B 165 -25.04 -0.14 2.43
N SER B 166 -26.02 0.67 2.81
CA SER B 166 -27.00 1.19 1.85
C SER B 166 -26.52 2.48 1.20
N LEU B 167 -25.48 3.10 1.74
CA LEU B 167 -24.88 4.25 1.15
C LEU B 167 -23.48 3.82 0.72
N SER B 168 -23.30 3.65 -0.59
CA SER B 168 -22.02 3.12 -1.08
C SER B 168 -21.39 4.00 -2.13
N SER B 169 -22.21 4.69 -2.91
CA SER B 169 -21.70 5.66 -3.85
C SER B 169 -21.25 6.89 -3.09
N GLY B 170 -20.20 7.50 -3.59
CA GLY B 170 -19.70 8.70 -2.99
C GLY B 170 -18.90 8.47 -1.72
N VAL B 171 -18.59 7.20 -1.42
CA VAL B 171 -17.79 6.84 -0.26
C VAL B 171 -16.31 6.67 -0.60
N HIS B 172 -15.46 7.14 0.31
CA HIS B 172 -14.02 6.86 0.28
C HIS B 172 -13.57 6.42 1.66
N THR B 173 -13.03 5.22 1.75
CA THR B 173 -12.49 4.73 3.00
C THR B 173 -11.00 4.52 2.80
N PHE B 174 -10.24 5.11 3.69
CA PHE B 174 -8.80 5.21 3.57
C PHE B 174 -8.10 4.12 4.37
N PRO B 175 -7.05 3.53 3.80
CA PRO B 175 -6.30 2.50 4.51
C PRO B 175 -5.83 2.98 5.86
N ALA B 176 -5.84 2.08 6.83
CA ALA B 176 -5.39 2.43 8.18
C ALA B 176 -3.87 2.70 8.20
N VAL B 177 -3.46 3.57 9.13
CA VAL B 177 -2.05 3.92 9.34
C VAL B 177 -1.72 3.72 10.81
N LEU B 178 -0.60 3.08 11.06
CA LEU B 178 -0.14 2.83 12.40
C LEU B 178 0.77 3.96 12.81
N GLN B 179 0.52 4.56 13.95
N GLN B 179 0.43 4.59 13.92
CA GLN B 179 1.44 5.55 14.49
CA GLN B 179 1.22 5.66 14.52
C GLN B 179 1.39 5.51 16.01
C GLN B 179 1.27 5.37 16.02
N SER B 180 2.56 5.41 16.62
N SER B 180 2.43 5.52 16.63
CA SER B 180 2.61 5.27 18.07
CA SER B 180 2.55 5.30 18.06
C SER B 180 1.85 4.02 18.52
C SER B 180 1.84 4.02 18.51
N ASP B 181 2.01 2.94 17.76
CA ASP B 181 1.43 1.62 18.09
C ASP B 181 -0.10 1.45 18.00
N LEU B 182 -0.83 2.46 17.51
CA LEU B 182 -2.28 2.35 17.35
C LEU B 182 -2.72 2.88 15.98
N TYR B 183 -3.79 2.32 15.47
CA TYR B 183 -4.26 2.66 14.12
C TYR B 183 -5.24 3.82 14.09
N THR B 184 -5.16 4.57 12.99
CA THR B 184 -6.16 5.55 12.61
C THR B 184 -6.64 5.24 11.21
N LEU B 185 -7.95 5.34 11.02
CA LEU B 185 -8.60 5.19 9.71
C LEU B 185 -9.65 6.29 9.60
N SER B 186 -9.97 6.67 8.38
CA SER B 186 -11.00 7.63 8.15
C SER B 186 -11.81 7.22 6.96
N SER B 187 -13.06 7.69 6.92
CA SER B 187 -13.96 7.46 5.79
C SER B 187 -14.81 8.69 5.53
N SER B 188 -15.00 9.01 4.26
CA SER B 188 -15.86 10.15 3.87
C SER B 188 -17.00 9.66 3.02
N VAL B 189 -18.13 10.36 3.08
CA VAL B 189 -19.22 10.14 2.16
C VAL B 189 -19.74 11.50 1.71
N THR B 190 -20.02 11.62 0.42
CA THR B 190 -20.47 12.88 -0.18
C THR B 190 -21.86 12.69 -0.76
N VAL B 191 -22.80 13.50 -0.31
CA VAL B 191 -24.22 13.33 -0.63
C VAL B 191 -24.83 14.67 -1.04
N PRO B 192 -25.95 14.64 -1.77
CA PRO B 192 -26.56 15.91 -2.11
C PRO B 192 -27.05 16.65 -0.86
N SER B 193 -26.95 17.98 -0.89
CA SER B 193 -27.33 18.81 0.25
C SER B 193 -28.77 18.58 0.62
N SER B 194 -29.60 18.19 -0.34
CA SER B 194 -31.04 17.94 -0.07
C SER B 194 -31.30 16.67 0.75
N THR B 195 -30.28 15.82 0.90
CA THR B 195 -30.44 14.53 1.58
C THR B 195 -29.89 14.51 3.02
N TRP B 196 -29.03 15.47 3.37
CA TRP B 196 -28.53 15.59 4.73
C TRP B 196 -28.48 17.06 5.10
N PRO B 197 -28.93 17.41 6.32
CA PRO B 197 -29.34 16.52 7.43
C PRO B 197 -30.80 16.03 7.39
N SER B 198 -31.51 16.24 6.29
CA SER B 198 -32.92 15.83 6.24
C SER B 198 -33.10 14.33 6.44
N GLU B 199 -32.18 13.53 5.92
CA GLU B 199 -32.19 12.07 6.07
C GLU B 199 -31.01 11.66 6.95
N THR B 200 -31.15 10.55 7.66
CA THR B 200 -30.12 10.08 8.56
C THR B 200 -28.92 9.53 7.79
N VAL B 201 -27.73 9.92 8.22
CA VAL B 201 -26.46 9.34 7.76
C VAL B 201 -25.69 8.89 8.99
N THR B 202 -25.34 7.60 8.99
CA THR B 202 -24.73 6.94 10.13
C THR B 202 -23.50 6.17 9.65
N CYS B 203 -22.41 6.30 10.38
CA CYS B 203 -21.28 5.44 10.06
CA CYS B 203 -21.18 5.56 10.18
C CYS B 203 -21.24 4.28 11.04
N ASN B 204 -20.97 3.11 10.47
CA ASN B 204 -21.03 1.85 11.21
C ASN B 204 -19.64 1.27 11.29
N VAL B 205 -19.13 1.08 12.51
CA VAL B 205 -17.75 0.61 12.69
C VAL B 205 -17.76 -0.68 13.48
N ALA B 206 -17.08 -1.71 12.97
CA ALA B 206 -16.91 -2.97 13.69
C ALA B 206 -15.42 -3.29 13.86
N HIS B 207 -15.08 -3.78 15.03
CA HIS B 207 -13.71 -4.18 15.33
C HIS B 207 -13.76 -5.61 15.89
N PRO B 208 -13.61 -6.59 15.01
CA PRO B 208 -13.74 -7.97 15.45
C PRO B 208 -12.85 -8.34 16.64
N ALA B 209 -11.62 -7.85 16.66
CA ALA B 209 -10.66 -8.25 17.70
C ALA B 209 -11.10 -7.89 19.12
N SER B 210 -11.84 -6.79 19.26
CA SER B 210 -12.33 -6.32 20.55
C SER B 210 -13.82 -6.55 20.73
N SER B 211 -14.46 -7.21 19.77
CA SER B 211 -15.93 -7.41 19.77
C SER B 211 -16.69 -6.09 19.94
N THR B 212 -16.20 -5.04 19.27
CA THR B 212 -16.82 -3.71 19.33
C THR B 212 -17.63 -3.44 18.07
N LYS B 213 -18.85 -2.94 18.27
CA LYS B 213 -19.68 -2.34 17.22
C LYS B 213 -20.10 -0.97 17.70
N VAL B 214 -19.87 0.05 16.86
CA VAL B 214 -20.28 1.42 17.13
C VAL B 214 -21.01 1.95 15.92
N ASP B 215 -22.18 2.51 16.17
CA ASP B 215 -22.93 3.17 15.13
C ASP B 215 -23.09 4.63 15.53
N LYS B 216 -22.51 5.52 14.74
CA LYS B 216 -22.49 6.95 15.04
C LYS B 216 -23.25 7.75 14.00
N LYS B 217 -24.32 8.39 14.44
CA LYS B 217 -25.10 9.25 13.56
C LYS B 217 -24.32 10.51 13.34
N ILE B 218 -24.29 11.00 12.10
CA ILE B 218 -23.66 12.28 11.79
C ILE B 218 -24.74 13.36 11.96
N VAL B 219 -24.61 14.18 13.01
N VAL B 219 -24.55 14.20 12.98
CA VAL B 219 -25.59 15.22 13.27
CA VAL B 219 -25.52 15.22 13.38
C VAL B 219 -24.95 16.57 13.00
C VAL B 219 -24.94 16.60 13.06
N PRO B 220 -25.75 17.53 12.54
CA PRO B 220 -25.20 18.88 12.34
C PRO B 220 -24.65 19.47 13.63
N ARG B 221 -23.57 20.22 13.53
CA ARG B 221 -22.97 20.86 14.70
C ARG B 221 -23.89 21.92 15.30
O1 PG4 C . 2.54 6.16 -6.74
C1 PG4 C . 3.96 6.26 -6.94
C2 PG4 C . 4.28 5.80 -8.34
O2 PG4 C . 5.68 5.50 -8.48
C3 PG4 C . 6.02 4.15 -8.80
C4 PG4 C . 6.65 3.56 -7.56
O3 PG4 C . 6.50 2.16 -7.52
C5 PG4 C . 6.85 1.69 -6.22
C6 PG4 C . 5.76 0.79 -5.66
O4 PG4 C . 4.74 1.52 -4.99
C7 PG4 C . 3.89 0.67 -4.22
C8 PG4 C . 2.45 1.15 -4.33
O5 PG4 C . 1.63 0.23 -5.04
O1 PG4 D . 2.30 13.99 -0.31
C1 PG4 D . 2.36 13.30 -1.57
C2 PG4 D . 1.96 11.84 -1.41
O2 PG4 D . 0.53 11.74 -1.46
C3 PG4 D . 0.06 10.75 -2.36
C4 PG4 D . -1.43 10.99 -2.59
O3 PG4 D . -1.81 10.59 -3.91
C5 PG4 D . -2.15 9.19 -4.03
C6 PG4 D . -1.37 8.55 -5.15
O4 PG4 D . -0.68 7.35 -4.77
C7 PG4 D . -1.41 6.12 -4.92
C8 PG4 D . -0.43 4.98 -5.21
O5 PG4 D . -0.58 3.84 -4.33
CL CL E . -7.86 1.70 -28.66
CL CL F . -15.68 11.39 -13.82
C1 PGE G . 13.14 -0.41 -27.40
O1 PGE G . 12.38 0.60 -28.09
C2 PGE G . 13.88 -1.29 -28.39
O2 PGE G . 12.97 -2.04 -29.20
C3 PGE G . 12.89 -3.42 -28.86
C4 PGE G . 12.22 -4.25 -29.95
O4 PGE G . 8.33 -2.91 -31.08
C6 PGE G . 8.90 -4.16 -31.51
C5 PGE G . 9.93 -4.67 -30.51
O3 PGE G . 10.95 -3.69 -30.30
NA NA H . -12.46 16.08 -6.92
C1 PEG I . -4.22 33.07 18.05
O1 PEG I . -3.97 34.48 18.12
C2 PEG I . -4.25 32.45 19.44
O2 PEG I . -3.75 33.34 20.44
C3 PEG I . -4.19 33.05 21.77
C4 PEG I . -3.12 33.49 22.76
O4 PEG I . -3.34 34.84 23.17
C1 PEG J . -2.14 -9.71 -16.93
O1 PEG J . -2.85 -9.68 -15.69
C2 PEG J . -0.89 -10.57 -16.78
O2 PEG J . -1.28 -11.95 -16.92
C3 PEG J . -0.52 -12.87 -16.13
C4 PEG J . -0.96 -14.30 -16.46
O4 PEG J . -1.85 -14.81 -15.46
C1 PEG K . -1.99 3.64 1.50
O1 PEG K . -1.67 2.38 2.12
C2 PEG K . -1.75 4.77 2.50
O2 PEG K . -0.41 4.70 2.96
C3 PEG K . -0.12 5.61 4.00
C4 PEG K . 1.38 5.87 4.06
O4 PEG K . 2.06 4.87 4.82
C1 PEG L . 28.81 -16.12 -12.43
O1 PEG L . 29.16 -15.09 -13.34
C2 PEG L . 28.27 -15.46 -11.19
O2 PEG L . 26.96 -14.94 -11.30
C3 PEG L . 26.41 -14.81 -9.99
C4 PEG L . 25.63 -16.05 -9.58
O4 PEG L . 25.15 -15.94 -8.23
C TRS M . 21.58 -19.54 -11.43
C1 TRS M . 20.31 -20.00 -12.13
C2 TRS M . 21.51 -18.04 -11.22
C3 TRS M . 22.86 -19.84 -12.21
N TRS M . 21.64 -20.20 -10.10
O1 TRS M . 19.20 -19.12 -11.83
O2 TRS M . 22.78 -17.57 -10.78
O3 TRS M . 22.95 -21.20 -12.63
CL CL N . 15.99 -5.63 -4.13
CL CL O . -24.15 -1.98 10.35
CL CL P . -4.71 6.83 16.98
O19 33O Q . -31.54 11.24 -3.44
C39 33O Q . -30.62 10.17 -3.66
C40 33O Q . -29.16 10.51 -3.34
O20 33O Q . -28.97 10.60 -1.90
C41 33O Q . -27.84 9.88 -1.40
C42 33O Q . -27.68 10.16 0.08
O21 33O Q . -28.69 9.47 0.82
C43 33O Q . -28.58 9.70 2.23
C44 33O Q . -29.57 8.80 2.96
O22 33O Q . -29.16 7.45 2.80
C45 33O Q . -29.97 6.68 1.92
C46 33O Q . -29.46 5.25 1.93
O23 33O Q . -29.55 4.67 3.23
C47 33O Q . -30.85 4.21 3.59
C48 33O Q . -30.72 3.44 4.89
O24 33O Q . -30.59 4.39 5.93
C49 33O Q . -30.27 3.80 7.18
C50 33O Q . -30.05 4.88 8.22
O25 33O Q . -29.88 4.15 9.42
C51 33O Q . -29.54 4.99 10.48
C52 33O Q . -29.68 4.17 11.75
O26 33O Q . -28.65 3.18 11.73
C53 33O Q . -28.21 2.84 13.06
C54 33O Q . -27.25 1.67 13.03
O27 33O Q . -27.86 0.55 12.40
C55 33O Q . -27.06 -0.63 12.48
C56 33O Q . -26.97 -1.18 13.90
O28 33O Q . -26.46 -2.53 13.87
C57 33O Q . -26.19 -3.01 15.20
C58 33O Q . -25.76 -4.49 15.07
O29 33O Q . -24.53 -4.59 14.36
C59 33O Q . -24.42 -5.82 13.63
C60 33O Q . -22.99 -6.10 13.20
O30 33O Q . -22.52 -5.15 12.22
C61 33O Q . -22.25 -5.75 10.95
C62 33O Q . -20.88 -6.36 10.85
O31 33O Q . -20.70 -7.46 11.74
C63 33O Q . -20.32 -8.71 11.17
C64 33O Q . -19.33 -9.39 12.10
O32 33O Q . -19.94 -9.61 13.38
C1 PEG R . 2.02 -3.47 6.69
O1 PEG R . 1.85 -3.85 5.32
C2 PEG R . 1.29 -4.48 7.57
O2 PEG R . 0.13 -3.89 8.15
C3 PEG R . -0.99 -4.80 8.29
C4 PEG R . -2.29 -4.03 8.45
O4 PEG R . -3.01 -4.01 7.21
#